data_5YRS
#
_entry.id   5YRS
#
_cell.length_a   62.560
_cell.length_b   62.560
_cell.length_c   81.860
_cell.angle_alpha   90.00
_cell.angle_beta   90.00
_cell.angle_gamma   120.00
#
_symmetry.space_group_name_H-M   'P 61'
#
loop_
_entity.id
_entity.type
_entity.pdbx_description
1 polymer PROTEASE
2 polymer PROTEASE
3 polymer 'RT-RH oligopeprtide'
4 water water
#
loop_
_entity_poly.entity_id
_entity_poly.type
_entity_poly.pdbx_seq_one_letter_code
_entity_poly.pdbx_strand_id
1 'polypeptide(L)'
;PQVTLWQRPLVTIKIGGQLKEALLDTGADDTVLEEMSLPGRWKPKMIGGIGGFIKVRQYDQILIEICGHKAIGTVLVGPT
PVNIIGRNLLTQIGMTLNFGGSSG
;
A
2 'polypeptide(L)'
;PQVTLWQRPLVTIKIGGQLKEALLDTGADDTVLEEMSLPGRWKPKMIGGIGGFIKVRQYDQILIEICGHKAIGTVLVGPT
PVNIIGRNLLTQIGATLNFGGSSG
;
B
3 'polypeptide(L)' ET(HPH)YVD X
#
loop_
_chem_comp.id
_chem_comp.type
_chem_comp.name
_chem_comp.formula
HPH peptide-like (2S)-2-amino-3-phenylpropane-1,1-diol 'C9 H13 N O2'
#
# COMPACT_ATOMS: atom_id res chain seq x y z
N PRO A 1 19.65 2.58 -0.98
CA PRO A 1 18.85 3.80 -0.93
C PRO A 1 17.78 3.73 0.14
N GLN A 2 17.84 4.60 1.11
CA GLN A 2 16.81 4.59 2.15
C GLN A 2 15.74 5.60 1.77
N VAL A 3 14.48 5.28 1.98
CA VAL A 3 13.36 6.16 1.63
C VAL A 3 12.44 6.49 2.79
N THR A 4 12.27 7.77 3.11
CA THR A 4 11.36 8.24 4.16
C THR A 4 9.96 8.40 3.54
N LEU A 5 8.92 8.55 4.37
CA LEU A 5 7.53 8.59 3.87
C LEU A 5 6.71 9.89 3.96
N TRP A 6 7.42 11.02 3.99
CA TRP A 6 6.75 12.29 4.06
C TRP A 6 6.05 12.60 2.75
N GLN A 7 6.50 11.95 1.67
CA GLN A 7 5.86 12.11 0.37
C GLN A 7 5.66 10.70 -0.19
N ARG A 8 4.80 10.53 -1.20
CA ARG A 8 4.60 9.18 -1.78
C ARG A 8 5.93 8.60 -2.27
N PRO A 9 6.19 7.31 -1.99
CA PRO A 9 7.43 6.65 -2.40
C PRO A 9 7.37 6.20 -3.84
N LEU A 10 7.55 7.16 -4.76
CA LEU A 10 7.48 6.85 -6.20
C LEU A 10 8.83 6.51 -6.75
N VAL A 11 8.88 5.60 -7.73
CA VAL A 11 10.13 5.22 -8.37
C VAL A 11 9.89 5.10 -9.87
N THR A 12 10.97 5.19 -10.61
CA THR A 12 10.85 5.04 -12.04
C THR A 12 11.01 3.54 -12.35
N ILE A 13 10.18 2.99 -13.23
CA ILE A 13 10.35 1.58 -13.60
C ILE A 13 10.45 1.49 -15.11
N LYS A 14 11.02 0.40 -15.59
CA LYS A 14 11.10 0.19 -17.04
C LYS A 14 10.54 -1.20 -17.23
N ILE A 15 9.49 -1.33 -18.06
CA ILE A 15 8.84 -2.64 -18.29
C ILE A 15 8.30 -2.66 -19.71
N GLY A 16 8.46 -3.80 -20.38
CA GLY A 16 8.00 -3.89 -21.75
C GLY A 16 8.58 -2.78 -22.61
N GLY A 17 9.86 -2.43 -22.40
CA GLY A 17 10.54 -1.37 -23.14
C GLY A 17 10.07 0.08 -22.86
N GLN A 18 9.10 0.22 -21.97
CA GLN A 18 8.51 1.52 -21.64
C GLN A 18 8.90 2.04 -20.25
N LEU A 19 8.91 3.36 -20.07
CA LEU A 19 9.26 3.92 -18.76
C LEU A 19 8.00 4.46 -18.07
N LYS A 20 7.83 4.14 -16.79
CA LYS A 20 6.65 4.60 -16.03
C LYS A 20 7.04 4.99 -14.60
N GLU A 21 6.13 5.66 -13.89
CA GLU A 21 6.34 5.99 -12.48
C GLU A 21 5.45 5.00 -11.70
N ALA A 22 5.91 4.52 -10.55
CA ALA A 22 5.11 3.57 -9.79
C ALA A 22 5.32 3.75 -8.31
N LEU A 23 4.29 3.40 -7.53
CA LEU A 23 4.35 3.57 -6.09
C LEU A 23 4.86 2.31 -5.36
N LEU A 24 5.90 2.42 -4.51
CA LEU A 24 6.38 1.26 -3.73
C LEU A 24 5.26 1.06 -2.69
N ASP A 25 4.63 -0.11 -2.70
CA ASP A 25 3.44 -0.32 -1.88
C ASP A 25 3.45 -1.58 -1.03
N THR A 26 3.86 -1.40 0.24
CA THR A 26 3.97 -2.53 1.15
C THR A 26 2.62 -3.12 1.49
N GLY A 27 1.55 -2.40 1.18
CA GLY A 27 0.22 -2.89 1.48
C GLY A 27 -0.38 -3.73 0.36
N ALA A 28 0.36 -3.89 -0.74
CA ALA A 28 -0.16 -4.66 -1.86
C ALA A 28 0.58 -5.98 -2.02
N ASP A 29 -0.19 -7.06 -2.10
CA ASP A 29 0.42 -8.37 -2.25
C ASP A 29 1.00 -8.45 -3.64
N ASP A 30 0.21 -7.97 -4.61
CA ASP A 30 0.55 -8.02 -6.04
C ASP A 30 0.94 -6.68 -6.67
N THR A 31 1.54 -6.75 -7.86
CA THR A 31 1.93 -5.57 -8.62
C THR A 31 0.85 -5.32 -9.65
N VAL A 32 0.37 -4.09 -9.70
CA VAL A 32 -0.72 -3.74 -10.62
C VAL A 32 -0.44 -2.45 -11.37
N LEU A 33 -0.41 -2.55 -12.70
CA LEU A 33 -0.15 -1.37 -13.51
C LEU A 33 -1.35 -0.95 -14.35
N GLU A 34 -1.44 0.35 -14.61
CA GLU A 34 -2.53 0.89 -15.42
C GLU A 34 -2.43 0.26 -16.81
N GLU A 35 -3.56 0.14 -17.51
CA GLU A 35 -3.55 -0.46 -18.85
C GLU A 35 -2.33 -0.01 -19.68
N MET A 36 -1.61 -0.98 -20.18
CA MET A 36 -0.42 -0.67 -20.96
C MET A 36 -0.24 -1.80 -21.93
N SER A 37 0.59 -1.57 -22.93
CA SER A 37 0.85 -2.57 -23.92
C SER A 37 1.98 -3.50 -23.51
N LEU A 38 1.61 -4.75 -23.24
CA LEU A 38 2.56 -5.77 -22.89
C LEU A 38 2.38 -6.85 -23.94
N PRO A 39 3.45 -7.56 -24.24
CA PRO A 39 3.41 -8.62 -25.24
C PRO A 39 3.05 -9.93 -24.58
N GLY A 40 2.47 -10.84 -25.35
CA GLY A 40 2.18 -12.14 -24.78
C GLY A 40 0.77 -12.49 -24.34
N ARG A 41 0.64 -13.73 -23.90
CA ARG A 41 -0.61 -14.29 -23.44
C ARG A 41 -0.80 -13.88 -21.98
N TRP A 42 -2.04 -13.97 -21.52
CA TRP A 42 -2.37 -13.63 -20.15
C TRP A 42 -3.61 -14.39 -19.72
N LYS A 43 -4.01 -14.20 -18.46
CA LYS A 43 -5.18 -14.85 -17.92
C LYS A 43 -6.01 -13.79 -17.19
N PRO A 44 -7.34 -13.89 -17.30
CA PRO A 44 -8.28 -12.96 -16.66
C PRO A 44 -8.26 -13.26 -15.16
N LYS A 45 -8.32 -12.22 -14.35
CA LYS A 45 -8.31 -12.39 -12.91
C LYS A 45 -8.94 -11.18 -12.24
N MET A 46 -9.42 -11.35 -11.01
CA MET A 46 -10.02 -10.25 -10.27
C MET A 46 -9.26 -10.05 -8.99
N ILE A 47 -9.12 -8.79 -8.59
CA ILE A 47 -8.44 -8.47 -7.35
C ILE A 47 -9.26 -7.39 -6.65
N GLY A 48 -9.21 -7.35 -5.33
CA GLY A 48 -9.95 -6.33 -4.61
C GLY A 48 -9.07 -5.35 -3.85
N GLY A 49 -9.69 -4.26 -3.42
CA GLY A 49 -9.01 -3.22 -2.66
C GLY A 49 -10.09 -2.42 -1.97
N ILE A 50 -9.75 -1.23 -1.50
CA ILE A 50 -10.76 -0.38 -0.90
C ILE A 50 -11.62 0.04 -2.10
N GLY A 51 -12.93 -0.01 -1.96
CA GLY A 51 -13.79 0.38 -3.07
C GLY A 51 -14.39 -0.81 -3.78
N GLY A 52 -13.76 -1.98 -3.66
CA GLY A 52 -14.30 -3.16 -4.32
C GLY A 52 -13.31 -3.94 -5.17
N PHE A 53 -13.75 -4.48 -6.29
CA PHE A 53 -12.85 -5.26 -7.14
C PHE A 53 -12.73 -4.69 -8.56
N ILE A 54 -11.67 -5.11 -9.25
CA ILE A 54 -11.47 -4.73 -10.64
C ILE A 54 -11.03 -5.99 -11.33
N LYS A 55 -11.24 -6.07 -12.64
CA LYS A 55 -10.81 -7.25 -13.37
C LYS A 55 -9.47 -6.92 -14.02
N VAL A 56 -8.56 -7.90 -14.07
CA VAL A 56 -7.26 -7.62 -14.67
C VAL A 56 -6.67 -8.73 -15.51
N ARG A 57 -5.67 -8.35 -16.30
CA ARG A 57 -4.96 -9.30 -17.13
C ARG A 57 -3.77 -9.74 -16.31
N GLN A 58 -3.58 -11.03 -16.15
CA GLN A 58 -2.44 -11.51 -15.39
C GLN A 58 -1.29 -11.97 -16.29
N TYR A 59 -0.22 -11.18 -16.34
CA TYR A 59 0.95 -11.55 -17.16
C TYR A 59 2.02 -12.16 -16.28
N ASP A 60 2.53 -13.33 -16.67
CA ASP A 60 3.54 -13.98 -15.86
C ASP A 60 4.97 -13.78 -16.38
N GLN A 61 5.95 -13.98 -15.49
CA GLN A 61 7.37 -13.85 -15.81
C GLN A 61 7.71 -12.61 -16.61
N ILE A 62 7.26 -11.47 -16.09
CA ILE A 62 7.54 -10.19 -16.73
C ILE A 62 8.80 -9.58 -16.12
N LEU A 63 9.72 -9.10 -16.96
CA LEU A 63 10.92 -8.48 -16.43
C LEU A 63 10.64 -7.00 -16.17
N ILE A 64 10.88 -6.52 -14.95
CA ILE A 64 10.70 -5.09 -14.71
C ILE A 64 11.97 -4.55 -14.04
N GLU A 65 12.39 -3.33 -14.36
CA GLU A 65 13.55 -2.77 -13.68
C GLU A 65 12.98 -1.70 -12.77
N ILE A 66 13.16 -1.87 -11.46
CA ILE A 66 12.63 -0.92 -10.47
C ILE A 66 13.76 -0.11 -9.89
N CYS A 67 13.79 1.19 -10.17
CA CYS A 67 14.84 2.05 -9.67
C CYS A 67 16.21 1.42 -9.91
N GLY A 68 16.41 0.85 -11.10
CA GLY A 68 17.72 0.27 -11.41
C GLY A 68 18.00 -1.15 -10.92
N HIS A 69 17.00 -1.81 -10.38
CA HIS A 69 17.18 -3.18 -9.91
C HIS A 69 16.22 -4.07 -10.69
N LYS A 70 16.76 -5.14 -11.24
CA LYS A 70 15.96 -6.08 -12.02
C LYS A 70 15.22 -7.11 -11.19
N ALA A 71 14.04 -7.50 -11.66
CA ALA A 71 13.22 -8.52 -11.03
C ALA A 71 12.32 -9.10 -12.12
N ILE A 72 11.87 -10.34 -11.93
CA ILE A 72 10.98 -10.99 -12.87
C ILE A 72 9.85 -11.53 -12.03
N GLY A 73 8.62 -11.30 -12.46
CA GLY A 73 7.49 -11.82 -11.71
C GLY A 73 6.19 -11.55 -12.40
N THR A 74 5.09 -11.81 -11.69
CA THR A 74 3.77 -11.59 -12.20
C THR A 74 3.38 -10.12 -12.12
N VAL A 75 2.83 -9.61 -13.20
CA VAL A 75 2.40 -8.23 -13.26
C VAL A 75 0.94 -8.15 -13.72
N LEU A 76 0.08 -7.51 -12.92
CA LEU A 76 -1.32 -7.39 -13.31
C LEU A 76 -1.56 -6.07 -14.01
N VAL A 77 -2.38 -6.09 -15.07
CA VAL A 77 -2.67 -4.86 -15.80
C VAL A 77 -4.17 -4.57 -15.81
N GLY A 78 -4.55 -3.38 -15.37
CA GLY A 78 -5.96 -3.08 -15.35
C GLY A 78 -6.28 -1.69 -14.86
N PRO A 79 -7.56 -1.42 -14.66
CA PRO A 79 -8.04 -0.13 -14.21
C PRO A 79 -7.67 0.39 -12.81
N THR A 80 -6.40 0.27 -12.43
CA THR A 80 -5.99 0.80 -11.13
C THR A 80 -5.74 2.30 -11.25
N PRO A 81 -6.08 3.08 -10.22
CA PRO A 81 -5.85 4.54 -10.26
C PRO A 81 -4.36 4.95 -10.28
N VAL A 82 -3.49 4.02 -9.86
CA VAL A 82 -2.04 4.27 -9.81
C VAL A 82 -1.26 2.99 -10.05
N ASN A 83 -0.07 3.12 -10.62
CA ASN A 83 0.79 1.97 -10.87
C ASN A 83 1.30 1.59 -9.48
N ILE A 84 1.17 0.32 -9.11
CA ILE A 84 1.61 -0.14 -7.80
C ILE A 84 2.62 -1.26 -7.88
N ILE A 85 3.69 -1.17 -7.09
CA ILE A 85 4.70 -2.21 -7.02
C ILE A 85 4.40 -2.92 -5.70
N GLY A 86 3.95 -4.17 -5.80
CA GLY A 86 3.61 -4.95 -4.62
C GLY A 86 4.72 -5.83 -4.07
N ARG A 87 4.42 -6.55 -2.98
CA ARG A 87 5.43 -7.35 -2.31
C ARG A 87 6.04 -8.42 -3.20
N ASN A 88 5.27 -8.91 -4.16
CA ASN A 88 5.79 -9.95 -5.05
C ASN A 88 7.06 -9.50 -5.74
N LEU A 89 7.19 -8.20 -6.01
CA LEU A 89 8.41 -7.67 -6.60
C LEU A 89 9.30 -6.96 -5.57
N LEU A 90 8.71 -6.37 -4.53
CA LEU A 90 9.51 -5.68 -3.52
C LEU A 90 10.57 -6.62 -2.86
N THR A 91 10.20 -7.87 -2.58
CA THR A 91 11.16 -8.78 -1.95
C THR A 91 12.41 -8.97 -2.82
N GLN A 92 12.19 -9.05 -4.13
CA GLN A 92 13.26 -9.25 -5.08
C GLN A 92 14.30 -8.15 -5.14
N ILE A 93 13.93 -6.96 -4.71
CA ILE A 93 14.89 -5.90 -4.72
C ILE A 93 15.33 -5.56 -3.29
N GLY A 94 15.18 -6.54 -2.40
CA GLY A 94 15.60 -6.36 -1.00
C GLY A 94 14.96 -5.17 -0.29
N MET A 95 13.66 -5.02 -0.48
CA MET A 95 12.93 -3.91 0.11
C MET A 95 12.63 -4.22 1.58
N THR A 96 13.03 -3.34 2.49
CA THR A 96 12.73 -3.53 3.91
C THR A 96 12.00 -2.35 4.54
N LEU A 97 11.13 -2.68 5.48
CA LEU A 97 10.39 -1.68 6.22
C LEU A 97 11.10 -1.56 7.58
N ASN A 98 11.59 -0.38 7.92
CA ASN A 98 12.29 -0.11 9.19
C ASN A 98 11.65 1.00 10.02
N PHE A 99 11.67 0.84 11.33
CA PHE A 99 11.13 1.87 12.22
C PHE A 99 11.47 1.50 13.67
N PRO B 1 13.06 -1.89 14.81
CA PRO B 1 13.10 -3.16 14.08
C PRO B 1 12.98 -3.00 12.57
N GLN B 2 13.61 -3.94 11.88
CA GLN B 2 13.58 -3.97 10.44
C GLN B 2 12.55 -5.03 10.08
N VAL B 3 11.83 -4.83 8.98
CA VAL B 3 10.82 -5.78 8.56
C VAL B 3 10.95 -6.14 7.05
N THR B 4 11.11 -7.43 6.76
CA THR B 4 11.21 -7.90 5.37
C THR B 4 9.77 -8.04 4.85
N LEU B 5 9.59 -8.19 3.53
CA LEU B 5 8.24 -8.26 2.97
C LEU B 5 7.75 -9.57 2.35
N TRP B 6 8.32 -10.69 2.79
CA TRP B 6 7.92 -11.99 2.30
C TRP B 6 6.54 -12.33 2.80
N GLN B 7 6.08 -11.58 3.80
CA GLN B 7 4.74 -11.77 4.36
C GLN B 7 4.15 -10.38 4.56
N ARG B 8 2.84 -10.27 4.73
CA ARG B 8 2.22 -8.95 4.99
C ARG B 8 2.83 -8.34 6.26
N PRO B 9 3.17 -7.05 6.21
CA PRO B 9 3.77 -6.39 7.38
C PRO B 9 2.71 -5.96 8.38
N LEU B 10 2.22 -6.94 9.15
CA LEU B 10 1.15 -6.65 10.15
C LEU B 10 1.72 -6.29 11.49
N VAL B 11 1.08 -5.34 12.18
CA VAL B 11 1.55 -4.93 13.51
C VAL B 11 0.37 -4.86 14.45
N THR B 12 0.64 -4.85 15.74
CA THR B 12 -0.47 -4.77 16.67
C THR B 12 -0.63 -3.28 16.98
N ILE B 13 -1.86 -2.77 17.04
CA ILE B 13 -2.07 -1.35 17.40
C ILE B 13 -3.04 -1.29 18.55
N LYS B 14 -2.97 -0.19 19.30
CA LYS B 14 -3.89 0.00 20.42
C LYS B 14 -4.47 1.37 20.20
N ILE B 15 -5.80 1.45 20.07
CA ILE B 15 -6.47 2.72 19.81
C ILE B 15 -7.84 2.70 20.45
N GLY B 16 -8.26 3.83 20.99
CA GLY B 16 -9.57 3.87 21.63
C GLY B 16 -9.71 2.75 22.65
N GLY B 17 -8.60 2.46 23.37
CA GLY B 17 -8.51 1.41 24.38
C GLY B 17 -8.59 -0.05 23.89
N GLN B 18 -8.71 -0.20 22.57
CA GLN B 18 -8.89 -1.50 21.94
C GLN B 18 -7.63 -1.99 21.21
N LEU B 19 -7.46 -3.31 21.10
CA LEU B 19 -6.30 -3.88 20.40
C LEU B 19 -6.73 -4.45 19.05
N LYS B 20 -5.96 -4.13 18.00
CA LYS B 20 -6.28 -4.61 16.64
C LYS B 20 -4.99 -4.93 15.86
N GLU B 21 -5.11 -5.66 14.75
CA GLU B 21 -3.97 -5.94 13.84
C GLU B 21 -4.12 -4.95 12.68
N ALA B 22 -3.03 -4.42 12.17
CA ALA B 22 -3.13 -3.49 11.05
C ALA B 22 -1.93 -3.64 10.12
N LEU B 23 -2.14 -3.30 8.85
CA LEU B 23 -1.10 -3.44 7.84
C LEU B 23 -0.27 -2.18 7.68
N LEU B 24 1.07 -2.25 7.74
CA LEU B 24 1.91 -1.03 7.52
C LEU B 24 1.84 -0.87 6.00
N ASP B 25 1.29 0.26 5.54
CA ASP B 25 1.02 0.38 4.13
C ASP B 25 1.63 1.62 3.52
N THR B 26 2.77 1.48 2.85
CA THR B 26 3.40 2.67 2.27
C THR B 26 2.63 3.26 1.11
N GLY B 27 1.71 2.49 0.55
CA GLY B 27 0.93 2.95 -0.58
C GLY B 27 -0.28 3.78 -0.17
N ALA B 28 -0.53 3.94 1.12
CA ALA B 28 -1.71 4.71 1.56
C ALA B 28 -1.35 6.04 2.19
N ASP B 29 -1.98 7.10 1.69
CA ASP B 29 -1.69 8.42 2.21
C ASP B 29 -2.23 8.49 3.63
N ASP B 30 -3.41 7.90 3.81
CA ASP B 30 -4.16 7.93 5.07
C ASP B 30 -4.29 6.62 5.82
N THR B 31 -4.67 6.72 7.08
CA THR B 31 -4.90 5.55 7.92
C THR B 31 -6.38 5.29 7.91
N VAL B 32 -6.76 4.05 7.61
CA VAL B 32 -8.17 3.67 7.52
C VAL B 32 -8.45 2.37 8.29
N LEU B 33 -9.36 2.42 9.26
CA LEU B 33 -9.68 1.23 10.04
C LEU B 33 -11.10 0.71 9.82
N GLU B 34 -11.28 -0.59 10.02
CA GLU B 34 -12.59 -1.23 9.89
C GLU B 34 -13.50 -0.55 10.91
N GLU B 35 -14.82 -0.61 10.68
CA GLU B 35 -15.77 0.01 11.60
C GLU B 35 -15.46 -0.42 13.03
N MET B 36 -15.39 0.55 13.92
CA MET B 36 -15.13 0.24 15.31
C MET B 36 -15.50 1.47 16.13
N SER B 37 -15.67 1.23 17.43
CA SER B 37 -16.06 2.24 18.38
C SER B 37 -15.01 3.27 18.74
N LEU B 38 -15.19 4.47 18.25
CA LEU B 38 -14.25 5.53 18.57
C LEU B 38 -15.04 6.59 19.31
N PRO B 39 -14.35 7.38 20.13
CA PRO B 39 -15.07 8.40 20.87
C PRO B 39 -14.91 9.82 20.34
N GLY B 40 -16.03 10.49 20.11
CA GLY B 40 -16.01 11.86 19.64
C GLY B 40 -16.81 12.22 18.40
N ARG B 41 -16.62 13.45 17.95
CA ARG B 41 -17.30 13.89 16.75
C ARG B 41 -16.41 13.54 15.58
N TRP B 42 -17.02 13.46 14.41
CA TRP B 42 -16.31 13.12 13.19
C TRP B 42 -16.96 13.80 12.02
N LYS B 43 -16.26 13.83 10.89
CA LYS B 43 -16.77 14.45 9.67
C LYS B 43 -16.81 13.42 8.55
N PRO B 44 -17.76 13.56 7.61
CA PRO B 44 -17.84 12.61 6.49
C PRO B 44 -16.76 12.93 5.46
N LYS B 45 -16.28 11.90 4.79
CA LYS B 45 -15.26 12.09 3.78
C LYS B 45 -15.32 10.88 2.88
N MET B 46 -14.76 11.03 1.69
CA MET B 46 -14.75 9.98 0.71
C MET B 46 -13.31 9.68 0.36
N ILE B 47 -12.93 8.41 0.28
CA ILE B 47 -11.57 8.05 -0.09
C ILE B 47 -11.64 7.02 -1.20
N GLY B 48 -10.67 7.04 -2.10
CA GLY B 48 -10.66 6.10 -3.20
C GLY B 48 -9.60 5.04 -3.04
N GLY B 49 -9.78 3.94 -3.74
CA GLY B 49 -8.86 2.83 -3.69
C GLY B 49 -8.87 2.15 -5.04
N ILE B 50 -8.31 0.95 -5.08
CA ILE B 50 -8.23 0.22 -6.33
C ILE B 50 -9.56 -0.19 -6.95
N GLY B 51 -10.58 -0.42 -6.13
CA GLY B 51 -11.87 -0.81 -6.69
C GLY B 51 -12.90 0.31 -6.75
N GLY B 52 -12.49 1.52 -6.39
CA GLY B 52 -13.41 2.64 -6.40
C GLY B 52 -13.36 3.44 -5.10
N PHE B 53 -14.51 3.86 -4.60
CA PHE B 53 -14.50 4.66 -3.38
C PHE B 53 -15.37 4.12 -2.26
N ILE B 54 -15.14 4.63 -1.05
CA ILE B 54 -15.96 4.26 0.09
C ILE B 54 -16.11 5.51 0.94
N LYS B 55 -17.21 5.58 1.69
CA LYS B 55 -17.42 6.72 2.55
C LYS B 55 -16.92 6.33 3.93
N VAL B 56 -16.23 7.25 4.60
CA VAL B 56 -15.69 6.94 5.91
C VAL B 56 -15.92 8.06 6.89
N ARG B 57 -15.79 7.75 8.18
CA ARG B 57 -15.95 8.76 9.21
C ARG B 57 -14.54 9.24 9.51
N GLN B 58 -14.34 10.55 9.52
CA GLN B 58 -13.03 11.13 9.78
C GLN B 58 -12.85 11.62 11.21
N TYR B 59 -11.92 11.01 11.95
CA TYR B 59 -11.63 11.42 13.33
C TYR B 59 -10.27 12.10 13.41
N ASP B 60 -10.22 13.25 14.06
CA ASP B 60 -8.95 13.97 14.17
C ASP B 60 -8.26 13.80 15.51
N GLN B 61 -6.94 13.93 15.50
CA GLN B 61 -6.15 13.89 16.71
C GLN B 61 -6.41 12.66 17.57
N ILE B 62 -6.43 11.50 16.92
CA ILE B 62 -6.64 10.24 17.61
C ILE B 62 -5.27 9.68 18.03
N LEU B 63 -5.16 9.19 19.26
CA LEU B 63 -3.90 8.63 19.71
C LEU B 63 -3.88 7.15 19.33
N ILE B 64 -2.78 6.71 18.73
CA ILE B 64 -2.63 5.30 18.36
C ILE B 64 -1.24 4.82 18.73
N GLU B 65 -1.14 3.63 19.32
CA GLU B 65 0.16 3.08 19.64
C GLU B 65 0.37 2.00 18.61
N ILE B 66 1.38 2.18 17.75
CA ILE B 66 1.68 1.24 16.67
C ILE B 66 2.93 0.46 17.04
N CYS B 67 2.77 -0.84 17.30
CA CYS B 67 3.87 -1.69 17.72
C CYS B 67 4.71 -0.99 18.79
N GLY B 68 4.04 -0.48 19.84
CA GLY B 68 4.75 0.17 20.93
C GLY B 68 5.26 1.59 20.74
N HIS B 69 4.88 2.23 19.64
CA HIS B 69 5.31 3.60 19.38
C HIS B 69 4.05 4.46 19.26
N LYS B 70 4.02 5.55 20.00
CA LYS B 70 2.85 6.41 20.00
C LYS B 70 2.85 7.44 18.87
N ALA B 71 1.65 7.77 18.40
CA ALA B 71 1.46 8.75 17.35
C ALA B 71 0.06 9.32 17.50
N ILE B 72 -0.13 10.56 17.09
CA ILE B 72 -1.45 11.17 17.14
C ILE B 72 -1.71 11.71 15.76
N GLY B 73 -2.89 11.43 15.23
CA GLY B 73 -3.23 11.92 13.90
C GLY B 73 -4.63 11.55 13.47
N THR B 74 -4.92 11.81 12.21
CA THR B 74 -6.22 11.51 11.66
C THR B 74 -6.41 10.05 11.37
N VAL B 75 -7.55 9.52 11.78
CA VAL B 75 -7.85 8.13 11.55
C VAL B 75 -9.23 8.03 10.91
N LEU B 76 -9.30 7.38 9.75
CA LEU B 76 -10.56 7.22 9.06
C LEU B 76 -11.17 5.86 9.41
N VAL B 77 -12.50 5.82 9.57
CA VAL B 77 -13.18 4.59 9.93
C VAL B 77 -14.25 4.28 8.89
N GLY B 78 -14.16 3.11 8.28
CA GLY B 78 -15.11 2.73 7.26
C GLY B 78 -14.97 1.33 6.73
N PRO B 79 -15.77 0.97 5.71
CA PRO B 79 -15.76 -0.35 5.10
C PRO B 79 -14.52 -0.82 4.32
N THR B 80 -13.34 -0.61 4.89
CA THR B 80 -12.12 -1.09 4.26
C THR B 80 -12.01 -2.58 4.55
N PRO B 81 -11.50 -3.36 3.59
CA PRO B 81 -11.35 -4.81 3.83
C PRO B 81 -10.29 -5.13 4.90
N VAL B 82 -9.36 -4.22 5.14
CA VAL B 82 -8.29 -4.45 6.12
C VAL B 82 -7.86 -3.16 6.82
N ASN B 83 -7.44 -3.25 8.08
CA ASN B 83 -6.98 -2.09 8.82
C ASN B 83 -5.66 -1.65 8.20
N ILE B 84 -5.54 -0.41 7.78
CA ILE B 84 -4.29 0.02 7.18
C ILE B 84 -3.71 1.25 7.87
N ILE B 85 -2.40 1.22 8.09
CA ILE B 85 -1.73 2.36 8.71
C ILE B 85 -1.01 3.04 7.54
N GLY B 86 -1.43 4.26 7.25
CA GLY B 86 -0.89 5.02 6.14
C GLY B 86 0.25 5.97 6.49
N ARG B 87 0.76 6.69 5.48
CA ARG B 87 1.91 7.56 5.70
C ARG B 87 1.71 8.63 6.76
N ASN B 88 0.51 9.12 6.91
CA ASN B 88 0.25 10.16 7.91
C ASN B 88 0.70 9.70 9.30
N LEU B 89 0.65 8.38 9.57
CA LEU B 89 1.13 7.88 10.86
C LEU B 89 2.50 7.22 10.75
N LEU B 90 2.82 6.62 9.60
CA LEU B 90 4.11 5.98 9.42
C LEU B 90 5.26 6.96 9.66
N THR B 91 5.09 8.22 9.27
CA THR B 91 6.19 9.16 9.44
C THR B 91 6.48 9.41 10.93
N GLN B 92 5.41 9.44 11.73
CA GLN B 92 5.53 9.67 13.16
C GLN B 92 6.26 8.58 13.93
N ILE B 93 6.32 7.38 13.40
CA ILE B 93 7.03 6.34 14.10
C ILE B 93 8.34 6.06 13.39
N GLY B 94 8.72 6.98 12.50
CA GLY B 94 9.95 6.82 11.75
C GLY B 94 10.11 5.61 10.83
N ALA B 95 9.08 5.23 10.06
CA ALA B 95 9.28 4.10 9.16
C ALA B 95 10.01 4.64 7.98
N THR B 96 10.95 3.86 7.51
CA THR B 96 11.69 4.21 6.31
C THR B 96 11.58 2.98 5.44
N LEU B 97 11.68 3.21 4.15
CA LEU B 97 11.61 2.15 3.20
C LEU B 97 13.01 2.10 2.59
N ASN B 98 13.74 1.01 2.84
CA ASN B 98 15.09 0.87 2.31
C ASN B 98 15.11 -0.26 1.35
N PHE B 99 16.02 -0.16 0.41
CA PHE B 99 16.14 -1.22 -0.55
C PHE B 99 17.43 -1.14 -1.33
N GLY B 100 17.86 -2.36 -1.65
CA GLY B 100 19.05 -2.70 -2.42
C GLY B 100 20.30 -1.93 -2.07
N GLY B 101 20.94 -1.38 -3.10
CA GLY B 101 22.11 -0.61 -2.77
C GLY B 101 23.15 -0.41 -3.86
N SER B 102 24.19 -1.21 -3.75
CA SER B 102 25.35 -0.92 -4.57
C SER B 102 25.87 0.24 -3.75
N SER B 103 25.05 1.30 -3.80
CA SER B 103 25.20 2.53 -3.05
C SER B 103 23.94 3.39 -3.23
N GLU C 1 -5.43 -8.90 -2.79
N GLU C 1 -5.55 9.06 -1.32
CA GLU C 1 -5.83 -7.65 -2.11
CA GLU C 1 -5.77 7.76 -2.00
C GLU C 1 -4.74 -6.64 -2.29
C GLU C 1 -5.15 6.63 -1.17
N THR C 2 -5.15 -5.53 -2.88
N THR C 2 -5.91 5.57 -1.01
CA THR C 2 -4.23 -4.50 -3.27
CA THR C 2 -5.53 4.43 -0.19
C THR C 2 -4.68 -3.14 -2.72
C THR C 2 -5.41 3.21 -1.08
C HPH C 3 -3.02 -0.62 -0.65
C HPH C 3 -2.72 0.56 -1.24
O HPH C 3 -3.16 0.18 0.41
O HPH C 3 -1.92 -0.18 -1.82
CA HPH C 3 -4.17 -1.67 -0.75
CA HPH C 3 -3.64 1.70 -1.92
N HPH C 3 -3.96 -2.79 -1.66
N HPH C 3 -4.18 2.72 -1.05
CB HPH C 3 -4.24 -2.62 0.45
CB HPH C 3 -2.74 2.76 -2.54
CG HPH C 3 -5.45 -3.55 0.58
CG HPH C 3 -3.25 3.58 -3.69
CD1 HPH C 3 -5.46 -4.60 1.51
CD1 HPH C 3 -2.66 4.80 -3.97
CD2 HPH C 3 -6.58 -3.39 -0.27
CD2 HPH C 3 -4.35 3.14 -4.47
CE1 HPH C 3 -6.56 -5.47 1.62
CE1 HPH C 3 -3.14 5.60 -5.02
CE2 HPH C 3 -7.69 -4.26 -0.16
CE2 HPH C 3 -4.82 3.93 -5.53
CZ HPH C 3 -7.68 -5.29 0.78
CZ HPH C 3 -4.22 5.16 -5.81
OXT HPH C 3 -1.81 -1.17 -0.73
OXT HPH C 3 -2.12 1.20 -0.29
N TYR C 4 -2.85 0.47 -1.59
N TYR C 4 -3.30 -0.57 -0.60
CA TYR C 4 -3.08 2.01 -1.57
CA TYR C 4 -3.54 -1.99 -0.69
C TYR C 4 -4.46 2.68 -1.47
C TYR C 4 -4.31 -2.66 -1.84
N VAL C 5 -4.47 3.94 -0.98
N VAL C 5 -4.05 -3.96 -2.02
CA VAL C 5 -5.67 4.77 -0.81
CA VAL C 5 -4.71 -4.80 -3.03
C VAL C 5 -5.33 6.25 -1.11
C VAL C 5 -4.54 -6.24 -2.53
N ASP C 6 -6.36 7.07 -1.36
N ASP C 6 -5.52 -7.09 -2.80
CA ASP C 6 -6.15 8.49 -1.65
CA ASP C 6 -5.51 -8.48 -2.35
C ASP C 6 -7.35 9.34 -1.23
C ASP C 6 -5.89 -9.43 -3.48
#